data_3HUT
#
_entry.id   3HUT
#
_cell.length_a   43.341
_cell.length_b   92.706
_cell.length_c   44.432
_cell.angle_alpha   90.00
_cell.angle_beta   115.10
_cell.angle_gamma   90.00
#
_symmetry.space_group_name_H-M   'P 1 21 1'
#
loop_
_entity.id
_entity.type
_entity.pdbx_description
1 polymer 'putative branched-chain amino acid ABC transporter'
2 water water
#
_entity_poly.entity_id   1
_entity_poly.type   'polypeptide(L)'
_entity_poly.pdbx_seq_one_letter_code
;(MSE)SLALLLGYELPLTGANAAYGRVFQEAARLQLDRFNAAGGVGGRPVDILYADSRDDADQARTIARAFVDDPRVVGV
LGDFSSTVS(MSE)AAGSIYGKEG(MSE)PQLSPTAAHPDYIKISPWQFRAITTPAFEGPNNAAW(MSE)IGDGFTSVAV
IGVTTDWGLSSAQAFRKAFELRGGAVVVNEEVPPGNRRFDDVIDEIEDEAPQAIYLA(MSE)AYEDAAPFLRALRARGSA
LPVYGSSALYSPKFIDLGGPAVEGVRLATAFVLGASDPVVVEFVSAYETLYGAIPTLFAAHGYDAVGI(MSE)LAAVGRA
GPEVTRESLRDALAATDRYAGVTGITRFDPETRETTKILTRLVVREGDFRVIDREGHHHHHH
;
_entity_poly.pdbx_strand_id   A
#
# COMPACT_ATOMS: atom_id res chain seq x y z
N LEU A 3 -33.60 -5.89 2.23
CA LEU A 3 -33.21 -6.72 3.41
C LEU A 3 -31.69 -6.84 3.51
N ALA A 4 -31.01 -7.04 2.39
CA ALA A 4 -29.56 -7.15 2.42
C ALA A 4 -28.95 -5.80 2.82
N LEU A 5 -27.91 -5.83 3.65
CA LEU A 5 -27.23 -4.61 4.08
C LEU A 5 -26.49 -4.06 2.86
N LEU A 6 -26.43 -2.74 2.75
CA LEU A 6 -25.78 -2.10 1.61
C LEU A 6 -24.54 -1.27 1.89
N LEU A 7 -23.54 -1.48 1.05
CA LEU A 7 -22.29 -0.73 1.12
C LEU A 7 -22.13 -0.10 -0.26
N GLY A 8 -21.63 1.13 -0.31
CA GLY A 8 -21.42 1.76 -1.60
C GLY A 8 -19.97 1.58 -1.97
N TYR A 9 -19.65 1.63 -3.26
CA TYR A 9 -18.26 1.51 -3.67
C TYR A 9 -18.06 2.40 -4.89
N GLU A 10 -17.36 3.51 -4.70
CA GLU A 10 -17.09 4.40 -5.82
C GLU A 10 -15.69 4.06 -6.31
N LEU A 11 -15.57 3.85 -7.61
CA LEU A 11 -14.30 3.49 -8.23
C LEU A 11 -14.31 3.84 -9.73
N PRO A 12 -13.12 4.01 -10.31
CA PRO A 12 -13.01 4.34 -11.74
C PRO A 12 -13.14 3.16 -12.70
N LEU A 13 -14.22 3.14 -13.47
CA LEU A 13 -14.46 2.08 -14.44
C LEU A 13 -14.36 2.63 -15.86
N THR A 14 -14.17 3.94 -15.96
CA THR A 14 -13.99 4.58 -17.25
C THR A 14 -12.91 5.62 -17.04
N GLY A 15 -12.16 5.93 -18.11
CA GLY A 15 -11.11 6.92 -17.97
C GLY A 15 -9.75 6.28 -17.93
N ALA A 16 -8.72 7.12 -17.79
CA ALA A 16 -7.34 6.65 -17.77
C ALA A 16 -7.04 5.63 -16.68
N ASN A 17 -7.80 5.66 -15.59
CA ASN A 17 -7.57 4.75 -14.47
C ASN A 17 -8.60 3.64 -14.31
N ALA A 18 -9.31 3.31 -15.39
CA ALA A 18 -10.33 2.27 -15.36
C ALA A 18 -9.80 0.90 -14.93
N ALA A 19 -8.57 0.58 -15.32
CA ALA A 19 -7.98 -0.72 -14.99
C ALA A 19 -7.93 -0.97 -13.47
N TYR A 20 -7.77 0.11 -12.71
CA TYR A 20 -7.71 -0.01 -11.27
C TYR A 20 -9.10 -0.31 -10.70
N GLY A 21 -10.12 0.29 -11.32
CA GLY A 21 -11.48 0.05 -10.85
C GLY A 21 -11.85 -1.39 -11.14
N ARG A 22 -11.35 -1.91 -12.26
CA ARG A 22 -11.65 -3.27 -12.63
C ARG A 22 -11.08 -4.29 -11.65
N VAL A 23 -9.83 -4.11 -11.22
CA VAL A 23 -9.24 -5.07 -10.29
C VAL A 23 -9.85 -4.91 -8.91
N PHE A 24 -10.38 -3.72 -8.62
CA PHE A 24 -11.03 -3.46 -7.33
C PHE A 24 -12.29 -4.32 -7.29
N GLN A 25 -13.02 -4.32 -8.40
CA GLN A 25 -14.26 -5.07 -8.51
C GLN A 25 -14.01 -6.58 -8.52
N GLU A 26 -12.90 -7.01 -9.14
CA GLU A 26 -12.58 -8.42 -9.17
C GLU A 26 -12.29 -8.90 -7.74
N ALA A 27 -11.49 -8.11 -7.02
CA ALA A 27 -11.14 -8.44 -5.65
C ALA A 27 -12.35 -8.35 -4.73
N ALA A 28 -13.16 -7.31 -4.92
CA ALA A 28 -14.36 -7.11 -4.11
C ALA A 28 -15.29 -8.31 -4.18
N ARG A 29 -15.54 -8.76 -5.40
CA ARG A 29 -16.42 -9.89 -5.66
C ARG A 29 -15.97 -11.14 -4.89
N LEU A 30 -14.67 -11.43 -4.94
CA LEU A 30 -14.14 -12.61 -4.27
C LEU A 30 -14.38 -12.55 -2.75
N GLN A 31 -14.03 -11.41 -2.15
CA GLN A 31 -14.19 -11.21 -0.71
C GLN A 31 -15.67 -11.25 -0.29
N LEU A 32 -16.50 -10.49 -1.00
CA LEU A 32 -17.92 -10.44 -0.68
C LEU A 32 -18.56 -11.82 -0.77
N ASP A 33 -18.29 -12.53 -1.86
CA ASP A 33 -18.86 -13.86 -2.02
C ASP A 33 -18.47 -14.76 -0.86
N ARG A 34 -17.19 -14.71 -0.45
CA ARG A 34 -16.74 -15.55 0.65
C ARG A 34 -17.46 -15.16 1.94
N PHE A 35 -17.53 -13.87 2.20
CA PHE A 35 -18.19 -13.35 3.40
C PHE A 35 -19.63 -13.83 3.48
N ASN A 36 -20.40 -13.61 2.42
CA ASN A 36 -21.79 -14.03 2.42
C ASN A 36 -21.90 -15.55 2.53
N ALA A 37 -21.00 -16.26 1.87
CA ALA A 37 -21.00 -17.72 1.91
C ALA A 37 -20.78 -18.19 3.35
N ALA A 38 -20.03 -17.40 4.12
CA ALA A 38 -19.74 -17.73 5.51
C ALA A 38 -20.90 -17.44 6.45
N GLY A 39 -21.95 -16.80 5.93
CA GLY A 39 -23.10 -16.50 6.75
C GLY A 39 -23.44 -15.02 6.86
N GLY A 40 -22.75 -14.19 6.09
CA GLY A 40 -22.99 -12.76 6.14
C GLY A 40 -22.87 -12.19 7.53
N VAL A 41 -23.78 -11.29 7.88
CA VAL A 41 -23.80 -10.67 9.20
C VAL A 41 -24.92 -11.31 9.98
N GLY A 42 -24.58 -12.34 10.76
CA GLY A 42 -25.58 -13.03 11.54
C GLY A 42 -26.69 -13.57 10.66
N GLY A 43 -26.32 -14.01 9.45
CA GLY A 43 -27.31 -14.56 8.54
C GLY A 43 -27.83 -13.56 7.52
N ARG A 44 -27.55 -12.27 7.75
CA ARG A 44 -28.01 -11.23 6.84
C ARG A 44 -26.91 -10.94 5.82
N PRO A 45 -27.19 -11.16 4.53
CA PRO A 45 -26.20 -10.91 3.47
C PRO A 45 -25.86 -9.44 3.28
N VAL A 46 -24.74 -9.20 2.61
CA VAL A 46 -24.30 -7.84 2.33
C VAL A 46 -24.13 -7.72 0.82
N ASP A 47 -24.54 -6.60 0.27
CA ASP A 47 -24.40 -6.38 -1.16
C ASP A 47 -23.68 -5.07 -1.38
N ILE A 48 -22.99 -4.95 -2.50
CA ILE A 48 -22.26 -3.72 -2.80
C ILE A 48 -22.86 -3.01 -4.01
N LEU A 49 -23.07 -1.71 -3.84
CA LEU A 49 -23.60 -0.87 -4.90
C LEU A 49 -22.41 -0.09 -5.45
N TYR A 50 -22.01 -0.42 -6.67
CA TYR A 50 -20.89 0.24 -7.33
C TYR A 50 -21.32 1.49 -8.08
N ALA A 51 -20.40 2.45 -8.19
CA ALA A 51 -20.67 3.68 -8.92
C ALA A 51 -19.39 4.10 -9.64
N ASP A 52 -19.49 4.34 -10.93
CA ASP A 52 -18.34 4.75 -11.74
C ASP A 52 -17.99 6.21 -11.49
N SER A 53 -16.91 6.44 -10.74
CA SER A 53 -16.48 7.79 -10.43
C SER A 53 -15.68 8.43 -11.56
N ARG A 54 -15.21 7.62 -12.49
CA ARG A 54 -14.41 8.08 -13.62
C ARG A 54 -13.14 8.80 -13.16
N ASP A 55 -12.80 8.61 -11.89
CA ASP A 55 -11.62 9.26 -11.30
C ASP A 55 -11.77 10.77 -11.52
N ASP A 56 -13.01 11.23 -11.39
CA ASP A 56 -13.34 12.64 -11.57
C ASP A 56 -13.91 13.21 -10.27
N ALA A 57 -13.29 14.26 -9.76
CA ALA A 57 -13.72 14.87 -8.52
C ALA A 57 -15.20 15.26 -8.49
N ASP A 58 -15.66 15.96 -9.53
CA ASP A 58 -17.06 16.36 -9.57
C ASP A 58 -18.00 15.17 -9.62
N GLN A 59 -17.62 14.12 -10.33
CA GLN A 59 -18.47 12.94 -10.42
C GLN A 59 -18.52 12.25 -9.06
N ALA A 60 -17.37 12.23 -8.38
CA ALA A 60 -17.27 11.60 -7.06
C ALA A 60 -18.17 12.34 -6.07
N ARG A 61 -18.28 13.66 -6.24
CA ARG A 61 -19.12 14.45 -5.34
C ARG A 61 -20.60 14.13 -5.50
N THR A 62 -21.07 13.97 -6.74
CA THR A 62 -22.48 13.65 -6.91
C THR A 62 -22.71 12.21 -6.45
N ILE A 63 -21.71 11.36 -6.62
CA ILE A 63 -21.84 9.97 -6.17
C ILE A 63 -21.98 9.95 -4.64
N ALA A 64 -21.15 10.75 -3.97
CA ALA A 64 -21.18 10.83 -2.52
C ALA A 64 -22.53 11.32 -2.00
N ARG A 65 -23.09 12.33 -2.65
CA ARG A 65 -24.39 12.87 -2.26
C ARG A 65 -25.41 11.74 -2.38
N ALA A 66 -25.34 11.00 -3.48
CA ALA A 66 -26.25 9.91 -3.76
C ALA A 66 -26.22 8.81 -2.68
N PHE A 67 -25.02 8.39 -2.30
CA PHE A 67 -24.89 7.37 -1.26
C PHE A 67 -25.42 7.87 0.08
N VAL A 68 -25.11 9.14 0.38
CA VAL A 68 -25.56 9.74 1.63
C VAL A 68 -27.09 9.78 1.69
N ASP A 69 -27.70 10.11 0.56
CA ASP A 69 -29.16 10.19 0.45
C ASP A 69 -29.88 8.84 0.48
N ASP A 70 -29.14 7.75 0.32
CA ASP A 70 -29.76 6.43 0.36
C ASP A 70 -29.54 5.85 1.75
N PRO A 71 -30.57 5.90 2.62
CA PRO A 71 -30.47 5.39 3.99
C PRO A 71 -29.98 3.94 4.12
N ARG A 72 -30.06 3.16 3.05
CA ARG A 72 -29.61 1.77 3.13
C ARG A 72 -28.09 1.66 3.13
N VAL A 73 -27.43 2.62 2.50
CA VAL A 73 -25.97 2.62 2.43
C VAL A 73 -25.39 3.01 3.79
N VAL A 74 -24.77 2.06 4.48
CA VAL A 74 -24.21 2.35 5.80
C VAL A 74 -22.72 2.66 5.79
N GLY A 75 -22.08 2.41 4.65
CA GLY A 75 -20.66 2.67 4.54
C GLY A 75 -20.27 2.72 3.08
N VAL A 76 -19.17 3.40 2.78
CA VAL A 76 -18.73 3.49 1.40
C VAL A 76 -17.28 3.05 1.24
N LEU A 77 -17.04 2.14 0.31
CA LEU A 77 -15.67 1.69 0.01
C LEU A 77 -15.32 2.79 -0.96
N GLY A 78 -14.16 3.41 -0.77
CA GLY A 78 -13.96 4.57 -1.59
C GLY A 78 -12.81 5.11 -2.37
N ASP A 79 -12.95 4.92 -3.66
CA ASP A 79 -12.01 5.42 -4.63
C ASP A 79 -10.53 5.28 -4.62
N PHE A 80 -10.09 5.13 -5.84
CA PHE A 80 -8.73 4.93 -6.22
C PHE A 80 -7.70 6.01 -5.88
N SER A 81 -7.87 7.21 -6.45
CA SER A 81 -6.92 8.30 -6.20
C SER A 81 -7.17 9.04 -4.91
N SER A 82 -6.12 9.65 -4.39
CA SER A 82 -6.24 10.43 -3.17
C SER A 82 -7.11 11.65 -3.43
N THR A 83 -6.85 12.31 -4.56
CA THR A 83 -7.61 13.51 -4.92
C THR A 83 -9.11 13.28 -4.97
N VAL A 84 -9.53 12.22 -5.65
CA VAL A 84 -10.94 11.92 -5.76
C VAL A 84 -11.50 11.42 -4.43
N SER A 85 -10.70 10.62 -3.71
CA SER A 85 -11.16 10.11 -2.42
C SER A 85 -11.41 11.27 -1.47
N ALA A 87 -12.12 14.49 -2.37
CA ALA A 87 -13.26 15.27 -2.85
C ALA A 87 -14.55 14.67 -2.28
N ALA A 88 -14.70 13.36 -2.39
CA ALA A 88 -15.89 12.70 -1.87
C ALA A 88 -15.80 12.66 -0.34
N GLY A 89 -14.59 12.50 0.17
CA GLY A 89 -14.39 12.45 1.62
C GLY A 89 -14.93 13.64 2.37
N SER A 90 -14.78 14.83 1.79
CA SER A 90 -15.27 16.05 2.44
C SER A 90 -16.77 15.97 2.72
N ILE A 91 -17.50 15.39 1.77
CA ILE A 91 -18.95 15.22 1.89
C ILE A 91 -19.26 14.15 2.94
N TYR A 92 -18.63 13.00 2.83
CA TYR A 92 -18.85 11.93 3.79
C TYR A 92 -18.57 12.37 5.23
N GLY A 93 -17.48 13.10 5.42
CA GLY A 93 -17.12 13.56 6.76
C GLY A 93 -18.20 14.45 7.33
N LYS A 94 -18.66 15.40 6.52
CA LYS A 94 -19.70 16.32 6.95
C LYS A 94 -21.04 15.60 7.17
N GLU A 95 -21.34 14.61 6.35
CA GLU A 95 -22.61 13.89 6.45
C GLU A 95 -22.62 12.71 7.43
N GLY A 96 -21.44 12.28 7.87
CA GLY A 96 -21.39 11.16 8.81
C GLY A 96 -21.45 9.79 8.17
N PRO A 98 -19.02 6.61 7.00
CA PRO A 98 -17.67 6.06 7.11
C PRO A 98 -17.15 5.71 5.71
N GLN A 99 -15.92 6.09 5.42
CA GLN A 99 -15.32 5.83 4.10
C GLN A 99 -14.00 5.06 4.21
N LEU A 100 -13.87 4.00 3.44
CA LEU A 100 -12.63 3.23 3.46
C LEU A 100 -12.05 3.16 2.05
N SER A 101 -10.98 3.91 1.82
CA SER A 101 -10.32 3.90 0.52
C SER A 101 -9.24 2.83 0.52
N PRO A 102 -9.25 1.96 -0.49
CA PRO A 102 -8.20 0.93 -0.48
C PRO A 102 -6.81 1.45 -0.82
N THR A 103 -6.75 2.55 -1.57
CA THR A 103 -5.46 3.06 -2.01
C THR A 103 -5.13 4.55 -1.82
N ALA A 104 -6.04 5.34 -1.25
CA ALA A 104 -5.74 6.77 -1.03
C ALA A 104 -4.62 6.86 0.01
N ALA A 105 -3.39 7.03 -0.46
CA ALA A 105 -2.21 7.09 0.42
C ALA A 105 -1.69 8.46 0.82
N HIS A 106 -2.25 9.52 0.27
CA HIS A 106 -1.79 10.86 0.60
C HIS A 106 -2.00 11.20 2.08
N PRO A 107 -0.96 11.73 2.74
CA PRO A 107 -1.06 12.09 4.15
C PRO A 107 -2.33 12.87 4.52
N ASP A 108 -2.69 13.85 3.70
CA ASP A 108 -3.86 14.68 3.97
C ASP A 108 -5.23 14.02 3.92
N TYR A 109 -5.34 12.90 3.22
CA TYR A 109 -6.62 12.22 3.13
C TYR A 109 -7.18 11.80 4.49
N ILE A 110 -6.31 11.24 5.34
CA ILE A 110 -6.72 10.78 6.66
C ILE A 110 -7.10 11.95 7.58
N LYS A 111 -6.62 13.15 7.27
CA LYS A 111 -6.90 14.33 8.08
C LYS A 111 -8.22 15.04 7.79
N ILE A 112 -8.91 14.63 6.72
CA ILE A 112 -10.18 15.25 6.36
C ILE A 112 -11.18 15.30 7.51
N SER A 113 -11.40 14.16 8.15
CA SER A 113 -12.35 14.08 9.26
C SER A 113 -12.20 12.72 9.95
N PRO A 114 -12.94 12.49 11.05
CA PRO A 114 -12.86 11.21 11.76
C PRO A 114 -13.54 10.07 11.00
N TRP A 115 -14.03 10.36 9.80
CA TRP A 115 -14.73 9.35 9.02
C TRP A 115 -13.93 8.66 7.92
N GLN A 116 -12.70 9.10 7.69
CA GLN A 116 -11.85 8.51 6.66
C GLN A 116 -10.92 7.42 7.16
N PHE A 117 -10.77 6.37 6.34
CA PHE A 117 -9.89 5.25 6.66
C PHE A 117 -9.25 4.81 5.35
N ARG A 118 -8.06 4.20 5.44
CA ARG A 118 -7.34 3.74 4.27
C ARG A 118 -6.79 2.34 4.52
N ALA A 119 -6.81 1.49 3.49
CA ALA A 119 -6.31 0.14 3.62
C ALA A 119 -4.80 0.10 3.38
N ILE A 120 -4.31 1.11 2.66
CA ILE A 120 -2.89 1.20 2.33
C ILE A 120 -2.21 2.09 3.36
N THR A 121 -0.87 2.11 3.36
CA THR A 121 -0.13 2.96 4.31
C THR A 121 0.37 4.16 3.53
N THR A 122 0.81 5.20 4.21
CA THR A 122 1.34 6.37 3.53
C THR A 122 2.71 5.97 2.98
N PRO A 123 3.21 6.69 1.96
CA PRO A 123 4.52 6.38 1.37
C PRO A 123 5.66 6.44 2.38
N ALA A 124 5.56 7.36 3.32
CA ALA A 124 6.61 7.54 4.33
C ALA A 124 6.73 6.40 5.33
N PHE A 125 5.65 5.64 5.52
CA PHE A 125 5.62 4.53 6.48
C PHE A 125 6.80 3.56 6.39
N GLU A 126 7.26 3.26 5.18
CA GLU A 126 8.36 2.32 5.03
C GLU A 126 9.70 2.89 5.51
N GLY A 127 9.80 4.21 5.58
CA GLY A 127 11.05 4.82 6.02
C GLY A 127 11.53 4.32 7.38
N PRO A 128 10.77 4.58 8.45
CA PRO A 128 11.16 4.12 9.79
C PRO A 128 11.28 2.60 9.86
N ASN A 129 10.40 1.91 9.13
CA ASN A 129 10.44 0.45 9.13
C ASN A 129 11.79 -0.06 8.63
N ASN A 130 12.27 0.51 7.53
CA ASN A 130 13.54 0.09 6.97
C ASN A 130 14.74 0.59 7.74
N ALA A 131 14.60 1.75 8.39
CA ALA A 131 15.72 2.25 9.18
C ALA A 131 15.92 1.29 10.36
N ALA A 132 14.81 0.91 10.99
CA ALA A 132 14.87 -0.02 12.13
C ALA A 132 15.46 -1.36 11.69
N TRP A 133 15.09 -1.79 10.48
CA TRP A 133 15.57 -3.06 9.94
C TRP A 133 17.09 -3.03 9.77
N ILE A 135 19.24 -1.02 11.24
CA ILE A 135 19.88 -0.87 12.54
C ILE A 135 19.92 -2.27 13.17
N GLY A 136 18.81 -2.98 13.02
CA GLY A 136 18.71 -4.33 13.57
C GLY A 136 19.72 -5.27 12.94
N ASP A 137 20.08 -5.01 11.69
CA ASP A 137 21.06 -5.84 11.00
C ASP A 137 22.49 -5.41 11.28
N GLY A 138 22.66 -4.45 12.18
CA GLY A 138 24.00 -4.02 12.56
C GLY A 138 24.63 -2.82 11.90
N PHE A 139 23.90 -2.16 11.00
CA PHE A 139 24.46 -1.00 10.31
C PHE A 139 24.39 0.27 11.14
N THR A 140 25.43 1.09 11.04
CA THR A 140 25.50 2.35 11.77
C THR A 140 25.81 3.52 10.85
N SER A 141 26.17 3.23 9.60
CA SER A 141 26.45 4.28 8.63
C SER A 141 25.90 3.83 7.28
N VAL A 142 25.13 4.68 6.63
CA VAL A 142 24.54 4.31 5.35
C VAL A 142 24.54 5.46 4.35
N ALA A 143 24.36 5.10 3.09
CA ALA A 143 24.27 6.07 2.02
C ALA A 143 22.81 6.03 1.60
N VAL A 144 22.19 7.20 1.45
CA VAL A 144 20.79 7.23 1.05
C VAL A 144 20.70 7.87 -0.32
N ILE A 145 20.10 7.16 -1.27
CA ILE A 145 19.91 7.67 -2.62
C ILE A 145 18.41 7.65 -2.85
N GLY A 146 17.84 8.82 -3.13
CA GLY A 146 16.40 8.88 -3.34
C GLY A 146 15.94 9.77 -4.47
N VAL A 147 14.85 9.36 -5.12
CA VAL A 147 14.27 10.11 -6.23
C VAL A 147 13.50 11.31 -5.67
N THR A 148 13.42 12.38 -6.44
CA THR A 148 12.74 13.59 -5.99
C THR A 148 11.22 13.62 -6.16
N THR A 149 10.59 12.45 -6.17
CA THR A 149 9.13 12.40 -6.26
C THR A 149 8.62 12.65 -4.86
N ASP A 150 7.32 12.88 -4.69
CA ASP A 150 6.80 13.14 -3.36
C ASP A 150 7.00 11.95 -2.42
N TRP A 151 6.74 10.74 -2.90
CA TRP A 151 6.92 9.56 -2.07
C TRP A 151 8.41 9.30 -1.80
N GLY A 152 9.25 9.64 -2.76
CA GLY A 152 10.68 9.44 -2.59
C GLY A 152 11.24 10.33 -1.51
N LEU A 153 10.88 11.61 -1.54
CA LEU A 153 11.37 12.56 -0.54
C LEU A 153 10.80 12.30 0.85
N SER A 154 9.51 12.01 0.93
CA SER A 154 8.88 11.77 2.23
C SER A 154 9.43 10.50 2.89
N SER A 155 9.61 9.44 2.10
CA SER A 155 10.12 8.20 2.66
C SER A 155 11.60 8.31 3.01
N ALA A 156 12.37 9.02 2.19
CA ALA A 156 13.80 9.19 2.46
C ALA A 156 14.02 10.01 3.72
N GLN A 157 13.22 11.07 3.90
CA GLN A 157 13.33 11.93 5.05
C GLN A 157 12.96 11.15 6.31
N ALA A 158 11.88 10.36 6.24
CA ALA A 158 11.44 9.57 7.38
C ALA A 158 12.48 8.51 7.71
N PHE A 159 13.12 7.95 6.68
CA PHE A 159 14.15 6.93 6.88
C PHE A 159 15.35 7.55 7.58
N ARG A 160 15.85 8.66 7.04
CA ARG A 160 17.00 9.32 7.63
C ARG A 160 16.75 9.69 9.09
N LYS A 161 15.59 10.29 9.36
CA LYS A 161 15.25 10.69 10.72
C LYS A 161 15.23 9.48 11.67
N ALA A 162 14.61 8.39 11.23
CA ALA A 162 14.52 7.18 12.05
C ALA A 162 15.90 6.55 12.29
N PHE A 163 16.73 6.56 11.26
CA PHE A 163 18.07 5.97 11.38
C PHE A 163 18.91 6.75 12.38
N GLU A 164 18.93 8.07 12.25
CA GLU A 164 19.71 8.92 13.15
C GLU A 164 19.15 8.87 14.59
N LEU A 165 17.85 8.66 14.71
CA LEU A 165 17.22 8.56 16.03
C LEU A 165 17.77 7.35 16.74
N ARG A 166 18.10 6.32 15.97
CA ARG A 166 18.64 5.07 16.52
C ARG A 166 20.16 5.07 16.61
N GLY A 167 20.78 6.22 16.38
CA GLY A 167 22.22 6.32 16.50
C GLY A 167 23.01 6.10 15.22
N GLY A 168 22.32 5.94 14.09
CA GLY A 168 23.02 5.74 12.84
C GLY A 168 23.37 7.04 12.17
N ALA A 169 24.31 7.01 11.24
CA ALA A 169 24.71 8.20 10.52
C ALA A 169 24.50 8.03 9.02
N VAL A 170 24.05 9.11 8.38
CA VAL A 170 23.83 9.13 6.94
C VAL A 170 25.03 9.91 6.38
N VAL A 171 26.07 9.18 6.00
CA VAL A 171 27.29 9.80 5.48
C VAL A 171 27.21 10.25 4.03
N VAL A 172 26.20 9.77 3.31
CA VAL A 172 25.98 10.16 1.91
C VAL A 172 24.48 10.29 1.72
N ASN A 173 24.06 11.41 1.16
CA ASN A 173 22.65 11.65 0.90
C ASN A 173 22.51 12.33 -0.46
N GLU A 174 22.04 11.58 -1.44
CA GLU A 174 21.89 12.10 -2.78
C GLU A 174 20.45 12.07 -3.29
N GLU A 175 19.98 13.20 -3.81
CA GLU A 175 18.63 13.28 -4.36
C GLU A 175 18.78 13.34 -5.88
N VAL A 176 18.09 12.45 -6.59
CA VAL A 176 18.16 12.41 -8.04
C VAL A 176 16.77 12.44 -8.66
N PRO A 177 16.66 12.98 -9.89
CA PRO A 177 15.36 13.05 -10.55
C PRO A 177 14.93 11.71 -11.15
N PRO A 178 13.62 11.51 -11.33
CA PRO A 178 13.14 10.27 -11.91
C PRO A 178 13.76 10.15 -13.30
N GLY A 179 14.21 8.94 -13.67
CA GLY A 179 14.81 8.76 -14.98
C GLY A 179 16.30 9.04 -15.03
N ASN A 180 16.87 9.50 -13.92
CA ASN A 180 18.29 9.80 -13.87
C ASN A 180 19.14 8.62 -14.34
N ARG A 181 20.17 8.92 -15.14
CA ARG A 181 21.04 7.86 -15.64
C ARG A 181 22.52 8.08 -15.36
N ARG A 182 22.90 9.11 -14.61
CA ARG A 182 24.31 9.28 -14.29
C ARG A 182 24.52 8.85 -12.85
N PHE A 183 25.39 7.87 -12.66
CA PHE A 183 25.66 7.31 -11.35
C PHE A 183 27.12 7.41 -10.92
N ASP A 184 28.01 7.71 -11.86
CA ASP A 184 29.43 7.79 -11.54
C ASP A 184 29.81 8.67 -10.36
N ASP A 185 29.23 9.86 -10.26
CA ASP A 185 29.56 10.75 -9.16
C ASP A 185 29.08 10.22 -7.81
N VAL A 186 27.83 9.76 -7.75
CA VAL A 186 27.30 9.23 -6.51
C VAL A 186 28.11 8.01 -6.08
N ILE A 187 28.58 7.25 -7.06
CA ILE A 187 29.37 6.06 -6.76
C ILE A 187 30.74 6.45 -6.21
N ASP A 188 31.31 7.53 -6.74
CA ASP A 188 32.61 7.99 -6.28
C ASP A 188 32.47 8.46 -4.83
N GLU A 189 31.35 9.13 -4.56
CA GLU A 189 31.07 9.64 -3.22
C GLU A 189 30.91 8.50 -2.22
N ILE A 190 30.29 7.41 -2.66
CA ILE A 190 30.11 6.24 -1.81
C ILE A 190 31.48 5.63 -1.57
N GLU A 191 32.31 5.63 -2.62
CA GLU A 191 33.66 5.10 -2.53
C GLU A 191 34.51 5.88 -1.53
N ASP A 192 34.36 7.20 -1.53
CA ASP A 192 35.13 8.04 -0.64
C ASP A 192 34.63 8.04 0.80
N GLU A 193 33.31 8.15 0.98
CA GLU A 193 32.73 8.16 2.33
C GLU A 193 32.71 6.78 2.98
N ALA A 194 32.77 5.73 2.16
CA ALA A 194 32.78 4.36 2.65
C ALA A 194 31.64 3.94 3.58
N PRO A 195 30.38 4.19 3.18
CA PRO A 195 29.28 3.78 4.06
C PRO A 195 29.25 2.25 4.13
N GLN A 196 28.59 1.69 5.14
CA GLN A 196 28.50 0.24 5.30
C GLN A 196 27.44 -0.35 4.39
N ALA A 197 26.44 0.46 4.05
CA ALA A 197 25.36 -0.02 3.20
C ALA A 197 24.68 1.14 2.48
N ILE A 198 23.79 0.78 1.55
CA ILE A 198 23.06 1.75 0.75
C ILE A 198 21.55 1.52 0.83
N TYR A 199 20.79 2.59 1.00
CA TYR A 199 19.34 2.49 1.05
C TYR A 199 18.82 3.27 -0.16
N LEU A 200 18.05 2.60 -1.01
CA LEU A 200 17.51 3.24 -2.20
C LEU A 200 16.03 3.61 -2.10
N ALA A 201 15.75 4.91 -2.11
CA ALA A 201 14.37 5.38 -2.07
C ALA A 201 14.04 5.68 -3.52
N ALA A 203 12.39 3.71 -7.54
CA ALA A 203 11.67 2.64 -8.20
C ALA A 203 12.58 1.75 -9.03
N TYR A 204 12.08 0.56 -9.36
CA TYR A 204 12.85 -0.42 -10.10
C TYR A 204 13.45 0.03 -11.43
N GLU A 205 12.72 0.84 -12.19
CA GLU A 205 13.24 1.28 -13.49
C GLU A 205 14.51 2.12 -13.40
N ASP A 206 14.68 2.83 -12.28
CA ASP A 206 15.88 3.64 -12.08
C ASP A 206 16.93 2.88 -11.27
N ALA A 207 16.47 2.07 -10.33
CA ALA A 207 17.36 1.29 -9.47
C ALA A 207 18.14 0.18 -10.19
N ALA A 208 17.49 -0.51 -11.12
CA ALA A 208 18.15 -1.59 -11.84
C ALA A 208 19.40 -1.08 -12.55
N PRO A 209 19.28 -0.02 -13.36
CA PRO A 209 20.50 0.45 -14.03
C PRO A 209 21.54 0.98 -13.04
N PHE A 210 21.08 1.61 -11.95
CA PHE A 210 22.02 2.12 -10.96
C PHE A 210 22.86 0.99 -10.38
N LEU A 211 22.19 -0.11 -10.00
CA LEU A 211 22.88 -1.25 -9.42
C LEU A 211 23.83 -1.92 -10.42
N ARG A 212 23.48 -1.91 -11.71
CA ARG A 212 24.37 -2.49 -12.70
C ARG A 212 25.66 -1.66 -12.73
N ALA A 213 25.52 -0.34 -12.62
CA ALA A 213 26.68 0.54 -12.62
C ALA A 213 27.47 0.37 -11.32
N LEU A 214 26.77 0.32 -10.20
CA LEU A 214 27.41 0.15 -8.90
C LEU A 214 28.23 -1.14 -8.89
N ARG A 215 27.62 -2.25 -9.28
CA ARG A 215 28.33 -3.52 -9.27
C ARG A 215 29.42 -3.61 -10.33
N ALA A 216 29.22 -2.91 -11.43
CA ALA A 216 30.22 -2.92 -12.51
C ALA A 216 31.52 -2.30 -12.02
N ARG A 217 31.39 -1.29 -11.15
CA ARG A 217 32.57 -0.63 -10.62
C ARG A 217 33.21 -1.41 -9.47
N GLY A 218 32.65 -2.58 -9.17
CA GLY A 218 33.22 -3.42 -8.11
C GLY A 218 32.70 -3.32 -6.69
N SER A 219 31.79 -2.39 -6.42
CA SER A 219 31.25 -2.25 -5.07
C SER A 219 30.55 -3.54 -4.62
N ALA A 220 30.81 -3.95 -3.40
CA ALA A 220 30.20 -5.16 -2.84
C ALA A 220 29.27 -4.81 -1.68
N LEU A 221 28.98 -3.53 -1.52
CA LEU A 221 28.12 -3.09 -0.43
C LEU A 221 26.69 -3.64 -0.52
N PRO A 222 26.11 -4.02 0.62
CA PRO A 222 24.74 -4.55 0.60
C PRO A 222 23.77 -3.40 0.30
N VAL A 223 22.63 -3.73 -0.31
CA VAL A 223 21.65 -2.73 -0.67
C VAL A 223 20.26 -3.06 -0.17
N TYR A 224 19.59 -2.06 0.41
CA TYR A 224 18.23 -2.19 0.91
C TYR A 224 17.45 -1.14 0.13
N GLY A 225 16.16 -1.35 -0.06
CA GLY A 225 15.41 -0.37 -0.82
C GLY A 225 13.91 -0.35 -0.61
N SER A 226 13.29 0.65 -1.22
CA SER A 226 11.86 0.87 -1.16
C SER A 226 11.05 -0.27 -1.78
N SER A 227 9.79 -0.36 -1.36
CA SER A 227 8.88 -1.36 -1.90
C SER A 227 8.65 -1.06 -3.38
N ALA A 228 9.03 0.14 -3.80
CA ALA A 228 8.87 0.53 -5.20
C ALA A 228 9.77 -0.31 -6.10
N LEU A 229 10.70 -1.03 -5.50
CA LEU A 229 11.62 -1.89 -6.25
C LEU A 229 10.96 -3.24 -6.51
N TYR A 230 9.88 -3.50 -5.81
CA TYR A 230 9.18 -4.79 -5.93
C TYR A 230 8.41 -4.99 -7.22
N SER A 231 9.02 -5.70 -8.15
CA SER A 231 8.42 -6.00 -9.44
C SER A 231 9.30 -7.02 -10.16
N PRO A 232 8.69 -7.93 -10.93
CA PRO A 232 9.54 -8.90 -11.61
C PRO A 232 10.48 -8.14 -12.55
N LYS A 233 10.07 -6.95 -12.98
CA LYS A 233 10.89 -6.13 -13.87
C LYS A 233 12.20 -5.71 -13.22
N PHE A 234 12.22 -5.61 -11.90
CA PHE A 234 13.44 -5.22 -11.20
C PHE A 234 14.52 -6.24 -11.51
N ILE A 235 14.13 -7.51 -11.54
CA ILE A 235 15.05 -8.59 -11.83
C ILE A 235 15.31 -8.71 -13.34
N ASP A 236 14.27 -8.56 -14.15
CA ASP A 236 14.47 -8.64 -15.60
C ASP A 236 15.39 -7.53 -16.07
N LEU A 237 15.29 -6.36 -15.42
CA LEU A 237 16.11 -5.22 -15.77
C LEU A 237 17.51 -5.21 -15.15
N GLY A 238 17.63 -5.76 -13.94
CA GLY A 238 18.92 -5.74 -13.27
C GLY A 238 19.76 -7.02 -13.34
N GLY A 239 19.11 -8.15 -13.56
CA GLY A 239 19.82 -9.41 -13.64
C GLY A 239 20.73 -9.64 -12.44
N PRO A 240 21.92 -10.20 -12.66
CA PRO A 240 22.88 -10.47 -11.59
C PRO A 240 23.13 -9.28 -10.64
N ALA A 241 23.07 -8.07 -11.16
CA ALA A 241 23.32 -6.89 -10.35
C ALA A 241 22.35 -6.65 -9.19
N VAL A 242 21.15 -7.22 -9.26
CA VAL A 242 20.19 -7.01 -8.17
C VAL A 242 20.15 -8.15 -7.15
N GLU A 243 20.99 -9.16 -7.35
CA GLU A 243 21.04 -10.27 -6.40
C GLU A 243 21.46 -9.74 -5.04
N GLY A 244 20.77 -10.16 -3.98
CA GLY A 244 21.13 -9.70 -2.65
C GLY A 244 20.42 -8.44 -2.17
N VAL A 245 19.73 -7.74 -3.07
CA VAL A 245 19.02 -6.52 -2.67
C VAL A 245 17.89 -6.90 -1.72
N ARG A 246 17.72 -6.11 -0.66
CA ARG A 246 16.67 -6.37 0.31
C ARG A 246 15.62 -5.28 0.29
N LEU A 247 14.38 -5.67 0.56
CA LEU A 247 13.28 -4.72 0.59
C LEU A 247 12.11 -5.32 1.35
N ALA A 248 11.21 -4.47 1.83
CA ALA A 248 10.04 -4.93 2.55
C ALA A 248 8.81 -4.42 1.78
N THR A 249 7.74 -5.21 1.80
CA THR A 249 6.52 -4.82 1.11
C THR A 249 5.32 -5.40 1.83
N ALA A 250 4.15 -4.82 1.59
CA ALA A 250 2.91 -5.28 2.23
C ALA A 250 2.42 -6.58 1.59
N PHE A 251 2.09 -6.52 0.30
CA PHE A 251 1.61 -7.68 -0.43
C PHE A 251 2.76 -8.45 -1.08
N VAL A 252 2.86 -9.74 -0.79
CA VAL A 252 3.91 -10.56 -1.38
C VAL A 252 3.26 -11.62 -2.27
N LEU A 253 3.47 -11.50 -3.57
CA LEU A 253 2.88 -12.44 -4.52
C LEU A 253 3.35 -13.87 -4.29
N GLY A 254 4.66 -14.05 -4.19
CA GLY A 254 5.21 -15.39 -3.98
C GLY A 254 5.34 -15.74 -2.52
N ALA A 255 4.34 -15.35 -1.73
CA ALA A 255 4.34 -15.62 -0.30
C ALA A 255 4.13 -17.10 -0.04
N SER A 256 4.42 -17.52 1.19
CA SER A 256 4.23 -18.91 1.56
C SER A 256 3.26 -18.92 2.74
N ASP A 257 2.97 -17.73 3.25
CA ASP A 257 2.03 -17.57 4.36
C ASP A 257 0.66 -17.95 3.83
N PRO A 258 0.07 -19.04 4.37
CA PRO A 258 -1.24 -19.56 3.98
C PRO A 258 -2.33 -18.54 3.64
N VAL A 259 -2.40 -17.47 4.41
CA VAL A 259 -3.41 -16.43 4.18
C VAL A 259 -3.25 -15.74 2.82
N VAL A 260 -2.01 -15.47 2.43
CA VAL A 260 -1.75 -14.78 1.17
C VAL A 260 -1.93 -15.62 -0.10
N VAL A 261 -1.32 -16.80 -0.16
CA VAL A 261 -1.42 -17.64 -1.36
C VAL A 261 -2.85 -18.09 -1.66
N GLU A 262 -3.67 -18.23 -0.63
CA GLU A 262 -5.06 -18.66 -0.83
C GLU A 262 -5.77 -17.59 -1.67
N PHE A 263 -5.45 -16.33 -1.40
CA PHE A 263 -6.04 -15.24 -2.15
C PHE A 263 -5.43 -15.25 -3.56
N VAL A 264 -4.10 -15.36 -3.61
CA VAL A 264 -3.39 -15.37 -4.87
C VAL A 264 -3.92 -16.49 -5.77
N SER A 265 -4.07 -17.68 -5.18
CA SER A 265 -4.57 -18.85 -5.91
C SER A 265 -6.02 -18.67 -6.37
N ALA A 266 -6.88 -18.25 -5.45
CA ALA A 266 -8.29 -18.04 -5.78
C ALA A 266 -8.45 -17.01 -6.88
N TYR A 267 -7.67 -15.93 -6.80
CA TYR A 267 -7.70 -14.84 -7.76
C TYR A 267 -7.27 -15.25 -9.16
N GLU A 268 -6.13 -15.93 -9.26
CA GLU A 268 -5.60 -16.36 -10.54
C GLU A 268 -6.53 -17.38 -11.18
N THR A 269 -7.07 -18.27 -10.37
CA THR A 269 -7.97 -19.30 -10.85
C THR A 269 -9.25 -18.70 -11.44
N LEU A 270 -9.83 -17.75 -10.71
CA LEU A 270 -11.05 -17.12 -11.14
C LEU A 270 -10.91 -16.07 -12.23
N TYR A 271 -9.84 -15.28 -12.16
CA TYR A 271 -9.63 -14.20 -13.13
C TYR A 271 -8.57 -14.42 -14.20
N GLY A 272 -7.82 -15.52 -14.07
CA GLY A 272 -6.80 -15.82 -15.06
C GLY A 272 -5.65 -14.84 -15.16
N ALA A 273 -5.36 -14.12 -14.08
CA ALA A 273 -4.28 -13.16 -14.08
C ALA A 273 -3.71 -13.01 -12.67
N ILE A 274 -2.46 -12.60 -12.56
CA ILE A 274 -1.83 -12.40 -11.26
C ILE A 274 -2.39 -11.15 -10.61
N PRO A 275 -2.78 -11.23 -9.32
CA PRO A 275 -3.33 -10.05 -8.67
C PRO A 275 -2.23 -9.03 -8.46
N THR A 276 -2.57 -7.76 -8.60
CA THR A 276 -1.61 -6.68 -8.40
C THR A 276 -1.73 -6.20 -6.96
N LEU A 277 -0.86 -5.26 -6.57
CA LEU A 277 -0.90 -4.73 -5.22
C LEU A 277 -2.20 -3.96 -5.01
N PHE A 278 -2.72 -3.35 -6.07
CA PHE A 278 -3.96 -2.61 -5.98
C PHE A 278 -5.12 -3.58 -5.75
N ALA A 279 -5.09 -4.71 -6.44
CA ALA A 279 -6.12 -5.73 -6.28
C ALA A 279 -6.08 -6.25 -4.85
N ALA A 280 -4.87 -6.43 -4.32
CA ALA A 280 -4.69 -6.93 -2.97
C ALA A 280 -5.23 -5.96 -1.92
N HIS A 281 -4.94 -4.68 -2.09
CA HIS A 281 -5.43 -3.68 -1.14
C HIS A 281 -6.95 -3.55 -1.27
N GLY A 282 -7.46 -3.76 -2.48
CA GLY A 282 -8.89 -3.69 -2.69
C GLY A 282 -9.54 -4.88 -1.99
N TYR A 283 -8.84 -6.00 -2.02
CA TYR A 283 -9.33 -7.22 -1.37
C TYR A 283 -9.41 -6.97 0.14
N ASP A 284 -8.33 -6.47 0.72
CA ASP A 284 -8.29 -6.20 2.15
C ASP A 284 -9.26 -5.10 2.56
N ALA A 285 -9.42 -4.09 1.71
CA ALA A 285 -10.33 -2.99 2.04
C ALA A 285 -11.73 -3.55 2.25
N VAL A 286 -12.19 -4.35 1.31
CA VAL A 286 -13.52 -4.95 1.41
C VAL A 286 -13.61 -5.84 2.66
N GLY A 287 -12.59 -6.66 2.88
CA GLY A 287 -12.58 -7.53 4.04
C GLY A 287 -12.59 -6.77 5.35
N ILE A 288 -11.83 -5.68 5.41
CA ILE A 288 -11.78 -4.87 6.62
C ILE A 288 -13.16 -4.29 6.89
N LEU A 290 -16.17 -5.40 5.77
CA LEU A 290 -17.11 -6.46 6.12
C LEU A 290 -16.94 -6.96 7.55
N ALA A 291 -15.70 -7.11 7.99
CA ALA A 291 -15.45 -7.56 9.35
C ALA A 291 -16.03 -6.53 10.32
N ALA A 292 -15.87 -5.25 10.01
CA ALA A 292 -16.39 -4.18 10.85
C ALA A 292 -17.92 -4.25 10.88
N VAL A 293 -18.54 -4.48 9.73
CA VAL A 293 -19.99 -4.59 9.67
C VAL A 293 -20.39 -5.80 10.51
N GLY A 294 -19.62 -6.88 10.40
CA GLY A 294 -19.90 -8.07 11.17
C GLY A 294 -19.95 -7.78 12.66
N ARG A 295 -19.00 -6.99 13.14
CA ARG A 295 -18.96 -6.66 14.56
C ARG A 295 -20.10 -5.71 14.92
N ALA A 296 -20.44 -4.80 14.00
CA ALA A 296 -21.53 -3.86 14.24
C ALA A 296 -22.87 -4.59 14.29
N GLY A 297 -22.98 -5.69 13.55
CA GLY A 297 -24.20 -6.46 13.54
C GLY A 297 -25.26 -6.02 12.55
N PRO A 298 -26.39 -6.76 12.47
CA PRO A 298 -27.52 -6.48 11.57
C PRO A 298 -28.12 -5.07 11.70
N GLU A 299 -28.11 -4.53 12.91
CA GLU A 299 -28.67 -3.21 13.16
C GLU A 299 -27.61 -2.12 13.04
N VAL A 300 -26.54 -2.42 12.30
CA VAL A 300 -25.46 -1.48 12.10
C VAL A 300 -25.93 -0.13 11.54
N THR A 301 -25.31 0.95 12.02
CA THR A 301 -25.61 2.29 11.53
C THR A 301 -24.29 2.89 11.03
N ARG A 302 -24.38 4.00 10.33
CA ARG A 302 -23.20 4.67 9.82
C ARG A 302 -22.25 5.00 10.97
N GLU A 303 -22.84 5.46 12.08
CA GLU A 303 -22.08 5.85 13.26
C GLU A 303 -21.41 4.64 13.93
N SER A 304 -22.15 3.56 14.11
CA SER A 304 -21.59 2.38 14.75
C SER A 304 -20.56 1.73 13.84
N LEU A 305 -20.77 1.83 12.53
CA LEU A 305 -19.82 1.26 11.59
C LEU A 305 -18.52 2.05 11.61
N ARG A 306 -18.61 3.36 11.82
CA ARG A 306 -17.40 4.18 11.87
C ARG A 306 -16.55 3.76 13.08
N ASP A 307 -17.20 3.49 14.21
CA ASP A 307 -16.49 3.05 15.42
C ASP A 307 -15.84 1.70 15.19
N ALA A 308 -16.58 0.77 14.61
CA ALA A 308 -16.07 -0.58 14.35
C ALA A 308 -14.87 -0.55 13.40
N LEU A 309 -14.97 0.28 12.36
CA LEU A 309 -13.87 0.41 11.39
C LEU A 309 -12.62 0.89 12.11
N ALA A 310 -12.81 1.92 12.95
CA ALA A 310 -11.71 2.49 13.71
C ALA A 310 -11.10 1.49 14.68
N ALA A 311 -11.87 0.45 15.03
CA ALA A 311 -11.40 -0.59 15.96
C ALA A 311 -10.44 -1.59 15.30
N THR A 312 -10.32 -1.55 13.98
CA THR A 312 -9.42 -2.45 13.26
C THR A 312 -8.05 -2.36 13.91
N ASP A 313 -7.57 -3.48 14.44
CA ASP A 313 -6.31 -3.47 15.15
C ASP A 313 -5.31 -4.54 14.73
N ARG A 314 -5.81 -5.70 14.31
CA ARG A 314 -4.96 -6.82 13.98
C ARG A 314 -5.55 -7.61 12.81
N TYR A 315 -6.01 -6.90 11.78
CA TYR A 315 -6.60 -7.55 10.62
C TYR A 315 -5.57 -8.37 9.85
N ALA A 316 -5.85 -9.66 9.66
CA ALA A 316 -4.94 -10.56 8.95
C ALA A 316 -5.17 -10.46 7.44
N GLY A 317 -4.72 -9.37 6.84
CA GLY A 317 -4.92 -9.19 5.41
C GLY A 317 -3.85 -9.81 4.55
N VAL A 318 -4.10 -9.85 3.23
CA VAL A 318 -3.13 -10.40 2.31
C VAL A 318 -2.01 -9.38 2.13
N THR A 319 -2.24 -8.17 2.61
CA THR A 319 -1.25 -7.11 2.52
C THR A 319 -0.52 -6.98 3.85
N GLY A 320 -0.76 -7.96 4.73
CA GLY A 320 -0.11 -7.98 6.03
C GLY A 320 -1.02 -7.66 7.20
N ILE A 321 -0.55 -7.92 8.42
CA ILE A 321 -1.34 -7.63 9.60
C ILE A 321 -1.53 -6.11 9.63
N THR A 322 -2.79 -5.69 9.62
CA THR A 322 -3.15 -4.26 9.56
C THR A 322 -3.85 -3.70 10.79
N ARG A 323 -3.43 -2.49 11.18
CA ARG A 323 -3.95 -1.77 12.34
C ARG A 323 -4.28 -0.31 12.01
N PHE A 324 -5.37 0.21 12.57
CA PHE A 324 -5.74 1.61 12.37
C PHE A 324 -5.49 2.27 13.74
N ASP A 325 -4.64 3.29 13.76
CA ASP A 325 -4.31 3.99 14.99
C ASP A 325 -5.56 4.45 15.74
N PRO A 326 -5.66 4.12 17.05
CA PRO A 326 -6.82 4.50 17.86
C PRO A 326 -7.01 6.01 17.97
N GLU A 327 -5.93 6.77 17.80
CA GLU A 327 -6.01 8.21 17.89
C GLU A 327 -6.15 8.88 16.51
N THR A 328 -5.23 8.58 15.59
CA THR A 328 -5.24 9.20 14.27
C THR A 328 -5.94 8.45 13.14
N ARG A 329 -6.18 7.15 13.34
CA ARG A 329 -6.80 6.29 12.34
C ARG A 329 -5.80 5.96 11.22
N GLU A 330 -4.56 6.38 11.39
CA GLU A 330 -3.53 6.10 10.38
C GLU A 330 -3.24 4.60 10.32
N THR A 331 -3.00 4.09 9.12
CA THR A 331 -2.75 2.68 8.91
C THR A 331 -1.29 2.26 9.04
N THR A 332 -1.04 1.21 9.81
CA THR A 332 0.30 0.66 9.98
C THR A 332 0.16 -0.83 9.66
N LYS A 333 1.24 -1.44 9.19
CA LYS A 333 1.21 -2.84 8.84
C LYS A 333 2.50 -3.56 9.16
N ILE A 334 2.41 -4.88 9.33
CA ILE A 334 3.60 -5.69 9.56
C ILE A 334 4.06 -6.10 8.17
N LEU A 335 5.09 -5.43 7.67
CA LEU A 335 5.61 -5.72 6.34
C LEU A 335 6.40 -7.02 6.28
N THR A 336 6.60 -7.54 5.07
CA THR A 336 7.33 -8.79 4.88
C THR A 336 8.68 -8.48 4.25
N ARG A 337 9.76 -8.90 4.92
CA ARG A 337 11.11 -8.65 4.43
C ARG A 337 11.52 -9.67 3.39
N LEU A 338 12.07 -9.19 2.27
CA LEU A 338 12.47 -10.05 1.17
C LEU A 338 13.91 -9.79 0.74
N VAL A 339 14.46 -10.73 -0.02
CA VAL A 339 15.80 -10.59 -0.56
C VAL A 339 15.75 -11.22 -1.95
N VAL A 340 16.47 -10.62 -2.88
CA VAL A 340 16.53 -11.14 -4.24
C VAL A 340 17.60 -12.21 -4.25
N ARG A 341 17.22 -13.45 -4.54
CA ARG A 341 18.20 -14.51 -4.59
C ARG A 341 17.84 -15.48 -5.70
N GLU A 342 18.82 -15.76 -6.55
CA GLU A 342 18.62 -16.66 -7.66
C GLU A 342 17.46 -16.28 -8.57
N GLY A 343 17.39 -15.01 -8.94
CA GLY A 343 16.35 -14.55 -9.86
C GLY A 343 14.93 -14.36 -9.39
N ASP A 344 14.69 -14.29 -8.09
CA ASP A 344 13.34 -14.06 -7.60
C ASP A 344 13.37 -13.53 -6.19
N PHE A 345 12.27 -12.92 -5.76
CA PHE A 345 12.18 -12.39 -4.41
C PHE A 345 11.92 -13.54 -3.44
N ARG A 346 12.69 -13.58 -2.36
CA ARG A 346 12.56 -14.64 -1.36
C ARG A 346 12.13 -14.10 -0.01
N VAL A 347 11.20 -14.78 0.64
CA VAL A 347 10.77 -14.36 1.96
C VAL A 347 11.88 -14.72 2.93
N ILE A 348 12.45 -13.72 3.59
CA ILE A 348 13.54 -13.93 4.54
C ILE A 348 13.09 -14.72 5.78
#